data_7LZA
#
_entry.id   7LZA
#
_cell.length_a   97.370
_cell.length_b   97.370
_cell.length_c   118.650
_cell.angle_alpha   90.000
_cell.angle_beta   90.000
_cell.angle_gamma   120.000
#
_symmetry.space_group_name_H-M   'P 65 2 2'
#
loop_
_entity.id
_entity.type
_entity.pdbx_description
1 polymer 'Putative two-component system response regulator'
2 non-polymer 'BERYLLIUM TRIFLUORIDE ION'
3 non-polymer 'MAGNESIUM ION'
4 water water
#
_entity_poly.entity_id   1
_entity_poly.type   'polypeptide(L)'
_entity_poly.pdbx_seq_one_letter_code
;GMRVLIVEDEPYLAEAIRDGLRLEAIAADIAGDGDTALELLSVNAYDIAVLDRDIPGPSGDEIAERIVASGSGMPILMLT
AADRLDDKASGFGLGADDYLTKPFELQELALRLRALDRRRAHSRPPVREIAGLRLDPFRREVYRGGRYVALTRKQFAVLE
VLVAAEGGVVSAEELLERAWDENADPFTNAVRITVSALRKRLGEPGIIATVPGVGYRIDTAPVSEQAGGDGG
;
_entity_poly.pdbx_strand_id   A
#
loop_
_chem_comp.id
_chem_comp.type
_chem_comp.name
_chem_comp.formula
BEF non-polymer 'BERYLLIUM TRIFLUORIDE ION' 'Be F3 -1'
MG non-polymer 'MAGNESIUM ION' 'Mg 2'
#
# COMPACT_ATOMS: atom_id res chain seq x y z
N GLY A 1 11.42 -19.31 -7.29
CA GLY A 1 12.20 -18.11 -7.08
C GLY A 1 11.44 -17.06 -6.30
N MET A 2 12.08 -15.92 -6.09
CA MET A 2 11.52 -14.83 -5.32
C MET A 2 11.62 -13.57 -6.15
N ARG A 3 10.68 -12.65 -5.96
CA ARG A 3 10.72 -11.36 -6.63
C ARG A 3 10.67 -10.27 -5.56
N VAL A 4 11.64 -9.37 -5.55
CA VAL A 4 11.69 -8.36 -4.48
C VAL A 4 11.82 -6.98 -5.08
N LEU A 5 11.31 -5.99 -4.35
CA LEU A 5 11.45 -4.59 -4.72
C LEU A 5 12.50 -3.96 -3.81
N ILE A 6 13.51 -3.34 -4.42
CA ILE A 6 14.56 -2.65 -3.68
C ILE A 6 14.34 -1.15 -3.87
N VAL A 7 14.01 -0.43 -2.79
CA VAL A 7 13.87 1.02 -2.83
C VAL A 7 15.07 1.61 -2.13
N GLU A 8 15.99 2.20 -2.90
CA GLU A 8 17.27 2.67 -2.37
C GLU A 8 17.81 3.74 -3.31
N ASP A 9 18.20 4.90 -2.77
CA ASP A 9 18.56 6.03 -3.62
C ASP A 9 20.05 6.14 -3.92
N GLU A 10 20.91 5.32 -3.30
CA GLU A 10 22.32 5.29 -3.72
C GLU A 10 22.46 4.22 -4.79
N PRO A 11 22.74 4.59 -6.06
CA PRO A 11 22.49 3.66 -7.18
C PRO A 11 23.47 2.51 -7.28
N TYR A 12 24.73 2.69 -6.87
CA TYR A 12 25.66 1.58 -7.00
C TYR A 12 25.38 0.51 -5.96
N LEU A 13 24.94 0.92 -4.77
CA LEU A 13 24.53 -0.04 -3.75
C LEU A 13 23.33 -0.84 -4.21
N ALA A 14 22.29 -0.16 -4.70
CA ALA A 14 21.09 -0.88 -5.11
C ALA A 14 21.41 -1.87 -6.21
N GLU A 15 22.26 -1.47 -7.17
CA GLU A 15 22.62 -2.38 -8.24
C GLU A 15 23.46 -3.55 -7.72
N ALA A 16 24.35 -3.28 -6.76
CA ALA A 16 25.15 -4.38 -6.18
C ALA A 16 24.27 -5.39 -5.45
N ILE A 17 23.21 -4.92 -4.78
CA ILE A 17 22.29 -5.86 -4.13
C ILE A 17 21.57 -6.70 -5.16
N ARG A 18 20.96 -6.05 -6.15
CA ARG A 18 20.27 -6.77 -7.23
C ARG A 18 21.20 -7.78 -7.90
N ASP A 19 22.41 -7.33 -8.24
CA ASP A 19 23.37 -8.19 -8.90
C ASP A 19 23.76 -9.37 -8.01
N GLY A 20 24.01 -9.10 -6.73
CA GLY A 20 24.45 -10.16 -5.83
C GLY A 20 23.37 -11.17 -5.49
N LEU A 21 22.09 -10.80 -5.63
CA LEU A 21 21.02 -11.74 -5.32
C LEU A 21 20.58 -12.56 -6.53
N ARG A 22 20.89 -12.10 -7.75
CA ARG A 22 20.24 -12.60 -8.96
C ARG A 22 20.46 -14.11 -9.16
N LEU A 23 21.70 -14.58 -9.08
CA LEU A 23 21.94 -15.98 -9.39
C LEU A 23 21.54 -16.90 -8.25
N GLU A 24 21.07 -16.35 -7.13
CA GLU A 24 20.47 -17.16 -6.09
C GLU A 24 18.95 -17.17 -6.19
N ALA A 25 18.42 -16.91 -7.39
CA ALA A 25 16.99 -17.00 -7.67
C ALA A 25 16.17 -15.98 -6.85
N ILE A 26 16.74 -14.80 -6.65
CA ILE A 26 16.00 -13.66 -6.12
C ILE A 26 16.11 -12.53 -7.16
N ALA A 27 15.01 -12.27 -7.87
CA ALA A 27 14.99 -11.27 -8.93
C ALA A 27 14.46 -9.94 -8.39
N ALA A 28 15.29 -8.90 -8.41
CA ALA A 28 14.96 -7.63 -7.78
C ALA A 28 14.73 -6.53 -8.81
N ASP A 29 13.73 -5.68 -8.55
CA ASP A 29 13.53 -4.43 -9.26
C ASP A 29 14.03 -3.31 -8.36
N ILE A 30 14.64 -2.28 -8.94
CA ILE A 30 15.21 -1.18 -8.16
C ILE A 30 14.40 0.09 -8.42
N ALA A 31 14.08 0.82 -7.35
CA ALA A 31 13.49 2.16 -7.41
C ALA A 31 14.38 3.13 -6.68
N GLY A 32 14.81 4.19 -7.38
CA GLY A 32 15.67 5.19 -6.77
C GLY A 32 14.95 6.28 -5.98
N ASP A 33 13.63 6.32 -6.02
CA ASP A 33 12.89 7.36 -5.33
C ASP A 33 11.51 6.84 -5.00
N GLY A 34 10.79 7.62 -4.19
CA GLY A 34 9.48 7.18 -3.72
C GLY A 34 8.43 7.10 -4.81
N ASP A 35 8.49 8.00 -5.79
CA ASP A 35 7.49 7.96 -6.85
C ASP A 35 7.67 6.75 -7.75
N THR A 36 8.91 6.42 -8.12
CA THR A 36 9.18 5.22 -8.90
C THR A 36 8.74 3.98 -8.14
N ALA A 37 8.94 3.97 -6.82
CA ALA A 37 8.57 2.80 -6.04
C ALA A 37 7.07 2.59 -6.10
N LEU A 38 6.29 3.67 -6.02
CA LEU A 38 4.83 3.55 -6.11
C LEU A 38 4.40 3.12 -7.51
N GLU A 39 5.07 3.62 -8.55
CA GLU A 39 4.79 3.16 -9.91
C GLU A 39 5.00 1.65 -10.05
N LEU A 40 6.11 1.13 -9.50
CA LEU A 40 6.37 -0.30 -9.62
C LEU A 40 5.34 -1.11 -8.84
N LEU A 41 4.98 -0.66 -7.63
CA LEU A 41 4.00 -1.38 -6.84
C LEU A 41 2.61 -1.34 -7.47
N SER A 42 2.30 -0.31 -8.23
CA SER A 42 0.98 -0.27 -8.83
C SER A 42 0.80 -1.31 -9.93
N VAL A 43 1.88 -1.81 -10.52
CA VAL A 43 1.75 -2.77 -11.62
C VAL A 43 2.38 -4.13 -11.34
N ASN A 44 3.35 -4.24 -10.44
CA ASN A 44 4.02 -5.52 -10.20
C ASN A 44 3.69 -6.08 -8.82
N ALA A 45 3.54 -7.40 -8.74
CA ALA A 45 3.46 -8.07 -7.45
C ALA A 45 4.86 -8.48 -7.03
N TYR A 46 5.19 -8.23 -5.77
CA TYR A 46 6.49 -8.60 -5.24
C TYR A 46 6.27 -9.50 -4.03
N ASP A 47 7.27 -10.33 -3.74
CA ASP A 47 7.21 -11.15 -2.53
C ASP A 47 7.64 -10.37 -1.30
N ILE A 48 8.59 -9.45 -1.44
CA ILE A 48 9.14 -8.69 -0.32
C ILE A 48 9.48 -7.29 -0.83
N ALA A 49 9.32 -6.29 0.06
CA ALA A 49 9.79 -4.92 -0.16
C ALA A 49 10.97 -4.64 0.77
N VAL A 50 12.11 -4.26 0.19
CA VAL A 50 13.29 -3.85 0.93
C VAL A 50 13.38 -2.34 0.80
N LEU A 51 13.24 -1.63 1.92
CA LEU A 51 13.02 -0.19 1.89
C LEU A 51 14.13 0.55 2.62
N ASP A 52 14.86 1.38 1.89
CA ASP A 52 15.58 2.51 2.47
C ASP A 52 14.60 3.53 3.03
N ARG A 53 15.01 4.24 4.07
CA ARG A 53 14.09 5.22 4.65
C ARG A 53 14.23 6.61 4.05
N ASP A 54 15.46 7.09 3.87
CA ASP A 54 15.72 8.43 3.35
C ASP A 54 15.97 8.34 1.85
N ILE A 55 14.95 8.70 1.07
CA ILE A 55 14.98 8.70 -0.39
C ILE A 55 14.28 9.95 -0.90
N PRO A 56 14.59 10.37 -2.12
CA PRO A 56 13.85 11.50 -2.74
C PRO A 56 12.39 11.16 -2.92
N GLY A 57 11.55 12.20 -2.89
CA GLY A 57 10.13 12.03 -3.06
C GLY A 57 9.52 11.46 -1.80
N PRO A 58 8.37 10.78 -1.94
CA PRO A 58 7.77 10.08 -0.79
C PRO A 58 8.78 9.15 -0.13
N SER A 59 8.88 9.25 1.19
CA SER A 59 9.94 8.56 1.92
C SER A 59 9.69 7.05 1.96
N GLY A 60 10.73 6.32 2.33
CA GLY A 60 10.56 4.89 2.58
C GLY A 60 9.49 4.61 3.62
N ASP A 61 9.36 5.49 4.62
CA ASP A 61 8.30 5.35 5.63
C ASP A 61 6.92 5.47 5.01
N GLU A 62 6.73 6.44 4.13
CA GLU A 62 5.45 6.54 3.41
C GLU A 62 5.21 5.34 2.52
N ILE A 63 6.25 4.81 1.86
CA ILE A 63 6.05 3.58 1.07
C ILE A 63 5.56 2.46 1.97
N ALA A 64 6.26 2.24 3.10
CA ALA A 64 5.86 1.21 4.05
C ALA A 64 4.40 1.38 4.48
N GLU A 65 4.02 2.62 4.81
CA GLU A 65 2.63 2.88 5.25
C GLU A 65 1.64 2.49 4.15
N ARG A 66 1.95 2.81 2.89
CA ARG A 66 1.01 2.47 1.83
C ARG A 66 0.95 0.97 1.61
N ILE A 67 2.08 0.28 1.74
CA ILE A 67 2.08 -1.17 1.59
C ILE A 67 1.19 -1.81 2.65
N VAL A 68 1.38 -1.42 3.91
CA VAL A 68 0.57 -1.95 5.00
C VAL A 68 -0.92 -1.65 4.77
N ALA A 69 -1.23 -0.40 4.39
CA ALA A 69 -2.63 -0.02 4.18
C ALA A 69 -3.26 -0.74 2.98
N SER A 70 -2.45 -1.16 1.99
CA SER A 70 -3.00 -1.85 0.83
C SER A 70 -3.52 -3.24 1.16
N GLY A 71 -3.18 -3.77 2.33
CA GLY A 71 -3.67 -5.08 2.71
C GLY A 71 -3.13 -6.21 1.89
N SER A 72 -2.03 -6.00 1.14
CA SER A 72 -1.43 -7.11 0.42
C SER A 72 -0.82 -8.12 1.37
N GLY A 73 -0.41 -7.70 2.56
CA GLY A 73 0.36 -8.58 3.42
C GLY A 73 1.78 -8.82 2.96
N MET A 74 2.27 -8.06 1.98
CA MET A 74 3.66 -8.17 1.55
C MET A 74 4.61 -7.79 2.70
N PRO A 75 5.55 -8.66 3.07
CA PRO A 75 6.46 -8.32 4.17
C PRO A 75 7.39 -7.18 3.79
N ILE A 76 7.79 -6.41 4.80
CA ILE A 76 8.62 -5.21 4.63
C ILE A 76 9.91 -5.38 5.42
N LEU A 77 11.03 -5.27 4.75
CA LEU A 77 12.34 -5.22 5.42
C LEU A 77 12.92 -3.84 5.19
N MET A 78 13.17 -3.11 6.28
CA MET A 78 13.81 -1.82 6.15
C MET A 78 15.32 -2.02 6.23
N LEU A 79 16.03 -1.34 5.33
CA LEU A 79 17.47 -1.51 5.16
C LEU A 79 18.03 -0.09 5.11
N THR A 80 18.65 0.38 6.20
CA THR A 80 18.75 1.82 6.35
C THR A 80 19.91 2.19 7.27
N ALA A 81 20.46 3.39 7.04
CA ALA A 81 21.48 3.96 7.91
C ALA A 81 20.91 4.47 9.23
N ALA A 82 19.60 4.55 9.37
CA ALA A 82 18.98 5.03 10.61
C ALA A 82 19.04 3.88 11.61
N ASP A 83 20.06 3.90 12.47
CA ASP A 83 20.41 2.74 13.28
C ASP A 83 20.24 2.97 14.78
N ARG A 84 19.58 4.06 15.20
CA ARG A 84 19.31 4.27 16.62
C ARG A 84 18.08 3.45 17.07
N LEU A 85 18.00 3.20 18.37
CA LEU A 85 16.87 2.45 18.88
C LEU A 85 15.56 3.16 18.58
N ASP A 86 15.55 4.50 18.66
CA ASP A 86 14.38 5.28 18.24
C ASP A 86 14.00 5.00 16.79
N ASP A 87 14.99 4.84 15.90
CA ASP A 87 14.68 4.53 14.50
C ASP A 87 14.03 3.17 14.35
N LYS A 88 14.58 2.15 15.03
CA LYS A 88 13.94 0.83 15.01
C LYS A 88 12.52 0.91 15.54
N ALA A 89 12.30 1.71 16.59
CA ALA A 89 10.97 1.83 17.15
C ALA A 89 9.99 2.40 16.13
N SER A 90 10.37 3.48 15.44
CA SER A 90 9.44 4.06 14.47
C SER A 90 9.29 3.15 13.25
N GLY A 91 10.35 2.45 12.86
CA GLY A 91 10.26 1.55 11.72
C GLY A 91 9.31 0.39 11.98
N PHE A 92 9.51 -0.30 13.11
CA PHE A 92 8.58 -1.38 13.46
C PHE A 92 7.18 -0.83 13.71
N GLY A 93 7.07 0.38 14.26
CA GLY A 93 5.75 0.97 14.46
C GLY A 93 5.01 1.21 13.16
N LEU A 94 5.74 1.47 12.07
CA LEU A 94 5.09 1.68 10.78
C LEU A 94 4.63 0.39 10.12
N GLY A 95 5.05 -0.77 10.62
CA GLY A 95 4.68 -2.04 10.03
C GLY A 95 5.81 -2.85 9.41
N ALA A 96 7.07 -2.47 9.61
CA ALA A 96 8.16 -3.29 9.13
C ALA A 96 8.14 -4.64 9.83
N ASP A 97 8.44 -5.69 9.08
CA ASP A 97 8.59 -7.03 9.63
C ASP A 97 10.01 -7.34 10.06
N ASP A 98 10.99 -6.62 9.52
CA ASP A 98 12.38 -6.76 9.90
C ASP A 98 13.07 -5.44 9.61
N TYR A 99 14.26 -5.28 10.17
CA TYR A 99 14.94 -3.99 10.18
C TYR A 99 16.42 -4.30 10.22
N LEU A 100 17.13 -3.96 9.15
CA LEU A 100 18.54 -4.28 9.02
C LEU A 100 19.30 -2.98 8.81
N THR A 101 20.33 -2.75 9.63
CA THR A 101 21.07 -1.50 9.53
C THR A 101 22.29 -1.63 8.62
N LYS A 102 22.63 -0.51 7.98
CA LYS A 102 23.84 -0.31 7.20
C LYS A 102 24.98 0.11 8.13
N PRO A 103 26.20 -0.45 7.96
CA PRO A 103 26.55 -1.41 6.90
C PRO A 103 26.06 -2.81 7.24
N PHE A 104 25.76 -3.60 6.22
CA PHE A 104 25.15 -4.91 6.41
C PHE A 104 25.92 -5.93 5.61
N GLU A 105 25.70 -7.20 5.92
CA GLU A 105 26.30 -8.31 5.18
C GLU A 105 25.26 -8.86 4.21
N LEU A 106 25.64 -8.95 2.93
CA LEU A 106 24.70 -9.39 1.89
C LEU A 106 24.07 -10.73 2.24
N GLN A 107 24.84 -11.66 2.79
CA GLN A 107 24.26 -12.97 3.07
C GLN A 107 23.28 -12.92 4.23
N GLU A 108 23.45 -11.98 5.16
CA GLU A 108 22.42 -11.81 6.18
C GLU A 108 21.14 -11.26 5.59
N LEU A 109 21.25 -10.28 4.69
CA LEU A 109 20.06 -9.80 3.99
C LEU A 109 19.34 -10.95 3.30
N ALA A 110 20.09 -11.81 2.59
CA ALA A 110 19.49 -12.94 1.88
C ALA A 110 18.79 -13.90 2.85
N LEU A 111 19.46 -14.25 3.95
CA LEU A 111 18.86 -15.13 4.96
C LEU A 111 17.54 -14.55 5.47
N ARG A 112 17.51 -13.24 5.73
CA ARG A 112 16.31 -12.62 6.27
C ARG A 112 15.21 -12.50 5.23
N LEU A 113 15.56 -12.25 3.97
CA LEU A 113 14.54 -12.29 2.92
C LEU A 113 13.90 -13.67 2.85
N ARG A 114 14.71 -14.72 2.92
CA ARG A 114 14.15 -16.06 2.83
C ARG A 114 13.27 -16.38 4.04
N ALA A 115 13.69 -15.95 5.23
CA ALA A 115 12.87 -16.19 6.42
C ALA A 115 11.54 -15.45 6.34
N LEU A 116 11.54 -14.20 5.85
CA LEU A 116 10.29 -13.45 5.70
C LEU A 116 9.38 -14.13 4.70
N ASP A 117 9.94 -14.56 3.57
CA ASP A 117 9.11 -15.13 2.52
C ASP A 117 8.48 -16.45 2.96
N ARG A 118 9.17 -17.20 3.82
CA ARG A 118 8.64 -18.50 4.25
C ARG A 118 7.39 -18.36 5.12
N ARG A 119 7.31 -17.29 5.92
N ARG A 119 7.30 -17.32 5.94
CA ARG A 119 6.23 -17.09 6.86
CA ARG A 119 6.15 -17.21 6.84
C ARG A 119 5.18 -16.10 6.37
C ARG A 119 5.02 -16.34 6.28
N ARG A 120 5.16 -15.82 5.06
CA ARG A 120 4.07 -15.05 4.48
C ARG A 120 2.90 -15.97 4.17
N ALA A 121 1.72 -15.61 4.68
CA ALA A 121 0.50 -16.35 4.40
C ALA A 121 -0.09 -15.91 3.05
N SER A 123 -2.37 -15.24 0.97
CA SER A 123 -3.78 -15.20 1.34
C SER A 123 -4.56 -14.19 0.46
N ARG A 124 -5.74 -13.77 0.94
CA ARG A 124 -6.70 -12.99 0.16
C ARG A 124 -6.33 -11.51 0.03
N PRO A 125 -5.90 -11.07 -1.15
CA PRO A 125 -5.70 -9.63 -1.34
C PRO A 125 -7.04 -8.93 -1.46
N PRO A 126 -7.14 -7.69 -0.98
CA PRO A 126 -8.43 -6.98 -1.08
C PRO A 126 -8.85 -6.83 -2.53
N VAL A 127 -10.16 -6.87 -2.76
CA VAL A 127 -10.70 -6.63 -4.09
C VAL A 127 -10.61 -5.15 -4.39
N ARG A 128 -10.10 -4.82 -5.58
CA ARG A 128 -9.88 -3.45 -6.00
C ARG A 128 -10.58 -3.12 -7.30
N GLU A 129 -11.35 -4.07 -7.83
CA GLU A 129 -11.99 -3.95 -9.12
C GLU A 129 -13.37 -4.60 -9.04
N ILE A 130 -14.41 -3.84 -9.34
CA ILE A 130 -15.76 -4.36 -9.34
C ILE A 130 -16.65 -3.38 -10.08
N ALA A 131 -17.62 -3.90 -10.83
CA ALA A 131 -18.68 -3.09 -11.42
C ALA A 131 -18.13 -2.00 -12.31
N GLY A 132 -17.05 -2.30 -13.03
CA GLY A 132 -16.45 -1.33 -13.93
C GLY A 132 -15.51 -0.33 -13.28
N LEU A 133 -15.35 -0.36 -11.97
CA LEU A 133 -14.39 0.48 -11.28
C LEU A 133 -13.11 -0.30 -11.08
N ARG A 134 -11.98 0.35 -11.35
CA ARG A 134 -10.67 -0.24 -11.06
C ARG A 134 -9.87 0.74 -10.24
N LEU A 135 -9.42 0.32 -9.05
CA LEU A 135 -8.76 1.19 -8.09
C LEU A 135 -7.28 0.80 -7.98
N ASP A 136 -6.41 1.79 -7.88
CA ASP A 136 -4.97 1.54 -7.68
C ASP A 136 -4.53 2.26 -6.43
N PRO A 137 -4.30 1.55 -5.32
CA PRO A 137 -4.02 2.24 -4.05
C PRO A 137 -2.63 2.83 -3.96
N PHE A 138 -1.72 2.49 -4.86
CA PHE A 138 -0.38 3.06 -4.79
C PHE A 138 -0.28 4.41 -5.49
N ARG A 139 -1.02 4.61 -6.59
CA ARG A 139 -1.14 5.92 -7.20
C ARG A 139 -2.39 6.67 -6.75
N ARG A 140 -3.24 6.02 -5.95
CA ARG A 140 -4.54 6.55 -5.55
C ARG A 140 -5.34 7.05 -6.75
N GLU A 141 -5.50 6.16 -7.72
CA GLU A 141 -6.15 6.48 -8.98
C GLU A 141 -7.31 5.54 -9.23
N VAL A 142 -8.31 6.04 -9.95
CA VAL A 142 -9.52 5.30 -10.26
C VAL A 142 -9.80 5.44 -11.74
N TYR A 143 -10.19 4.33 -12.36
CA TYR A 143 -10.68 4.29 -13.72
C TYR A 143 -12.05 3.64 -13.67
N ARG A 144 -13.03 4.29 -14.31
CA ARG A 144 -14.38 3.76 -14.40
C ARG A 144 -14.66 3.51 -15.88
N GLY A 145 -14.85 2.24 -16.24
CA GLY A 145 -14.98 1.89 -17.65
C GLY A 145 -13.87 2.44 -18.51
N GLY A 146 -12.64 2.45 -17.99
CA GLY A 146 -11.52 2.93 -18.76
C GLY A 146 -11.28 4.42 -18.72
N ARG A 147 -12.12 5.18 -18.02
CA ARG A 147 -12.01 6.62 -17.93
C ARG A 147 -11.42 7.02 -16.59
N TYR A 148 -10.34 7.80 -16.63
CA TYR A 148 -9.71 8.28 -15.40
C TYR A 148 -10.67 9.20 -14.66
N VAL A 149 -10.82 8.97 -13.36
CA VAL A 149 -11.69 9.79 -12.53
C VAL A 149 -10.82 10.39 -11.43
N ALA A 150 -10.68 11.71 -11.43
CA ALA A 150 -9.93 12.38 -10.39
C ALA A 150 -10.75 12.40 -9.10
N LEU A 151 -10.13 12.00 -8.00
CA LEU A 151 -10.74 11.99 -6.67
C LEU A 151 -9.79 12.62 -5.68
N THR A 152 -10.33 13.14 -4.58
CA THR A 152 -9.48 13.55 -3.48
C THR A 152 -9.01 12.31 -2.69
N ARG A 153 -8.00 12.49 -1.84
CA ARG A 153 -7.50 11.39 -1.02
C ARG A 153 -8.63 10.74 -0.21
N LYS A 154 -9.43 11.57 0.46
CA LYS A 154 -10.49 11.03 1.31
C LYS A 154 -11.56 10.34 0.48
N GLN A 155 -11.91 10.91 -0.67
CA GLN A 155 -12.87 10.24 -1.55
C GLN A 155 -12.35 8.86 -1.93
N PHE A 156 -11.07 8.79 -2.31
CA PHE A 156 -10.50 7.50 -2.68
C PHE A 156 -10.55 6.52 -1.51
N ALA A 157 -10.22 6.97 -0.30
CA ALA A 157 -10.22 6.07 0.85
C ALA A 157 -11.60 5.48 1.11
N VAL A 158 -12.65 6.30 0.96
CA VAL A 158 -14.00 5.79 1.14
C VAL A 158 -14.36 4.80 0.04
N LEU A 159 -14.03 5.14 -1.21
CA LEU A 159 -14.34 4.24 -2.33
C LEU A 159 -13.62 2.90 -2.18
N GLU A 160 -12.40 2.93 -1.66
CA GLU A 160 -11.64 1.71 -1.42
C GLU A 160 -12.37 0.75 -0.49
N VAL A 161 -12.92 1.28 0.62
CA VAL A 161 -13.65 0.45 1.57
C VAL A 161 -14.90 -0.15 0.94
N LEU A 162 -15.63 0.65 0.16
CA LEU A 162 -16.85 0.14 -0.49
C LEU A 162 -16.52 -0.93 -1.53
N VAL A 163 -15.45 -0.74 -2.32
CA VAL A 163 -15.10 -1.73 -3.33
C VAL A 163 -14.60 -3.02 -2.68
N ALA A 164 -13.79 -2.89 -1.62
CA ALA A 164 -13.32 -4.08 -0.91
C ALA A 164 -14.46 -4.92 -0.36
N ALA A 165 -15.62 -4.31 -0.12
CA ALA A 165 -16.78 -5.00 0.45
C ALA A 165 -17.60 -5.76 -0.59
N GLU A 166 -17.22 -5.70 -1.88
CA GLU A 166 -17.69 -6.63 -2.91
C GLU A 166 -19.19 -6.51 -3.19
N GLY A 167 -19.78 -5.34 -3.01
CA GLY A 167 -21.22 -5.20 -3.07
C GLY A 167 -21.91 -5.32 -1.73
N GLY A 168 -21.20 -5.74 -0.70
CA GLY A 168 -21.77 -5.77 0.63
C GLY A 168 -21.95 -4.37 1.21
N VAL A 169 -22.73 -4.32 2.29
CA VAL A 169 -23.08 -3.08 2.97
C VAL A 169 -21.96 -2.68 3.92
N VAL A 170 -21.68 -1.39 3.99
CA VAL A 170 -20.72 -0.85 4.95
C VAL A 170 -21.39 0.34 5.63
N SER A 171 -21.46 0.30 6.95
CA SER A 171 -22.14 1.34 7.69
C SER A 171 -21.28 2.60 7.74
N ALA A 172 -21.94 3.74 8.00
CA ALA A 172 -21.21 4.98 8.16
C ALA A 172 -20.18 4.88 9.27
N GLU A 173 -20.49 4.14 10.34
CA GLU A 173 -19.55 4.02 11.44
C GLU A 173 -18.29 3.26 11.03
N GLU A 174 -18.43 2.22 10.21
CA GLU A 174 -17.22 1.53 9.75
C GLU A 174 -16.40 2.39 8.79
N LEU A 175 -17.07 3.14 7.91
CA LEU A 175 -16.34 4.04 7.03
C LEU A 175 -15.53 5.04 7.83
N LEU A 176 -16.14 5.55 8.91
CA LEU A 176 -15.43 6.42 9.84
C LEU A 176 -14.16 5.75 10.37
N GLU A 177 -14.29 4.50 10.84
CA GLU A 177 -13.14 3.82 11.43
C GLU A 177 -12.05 3.57 10.39
N ARG A 178 -12.43 3.11 9.20
CA ARG A 178 -11.43 2.63 8.25
C ARG A 178 -10.81 3.74 7.41
N ALA A 179 -11.53 4.85 7.17
CA ALA A 179 -11.05 5.90 6.28
C ALA A 179 -10.58 7.15 6.99
N TRP A 180 -10.86 7.30 8.28
CA TRP A 180 -10.28 8.35 9.10
C TRP A 180 -9.36 7.67 10.11
N ASP A 181 -8.30 8.37 10.52
CA ASP A 181 -7.33 7.78 11.42
C ASP A 181 -7.99 7.37 12.74
N GLU A 182 -7.45 6.31 13.35
CA GLU A 182 -8.01 5.78 14.60
C GLU A 182 -8.07 6.86 15.68
N ASN A 183 -7.10 7.76 15.71
CA ASN A 183 -7.05 8.83 16.70
C ASN A 183 -7.69 10.12 16.16
N ALA A 184 -8.91 10.02 15.63
CA ALA A 184 -9.52 11.19 15.01
C ALA A 184 -10.89 11.51 15.59
N ASP A 185 -11.78 10.51 15.66
CA ASP A 185 -13.15 10.68 16.14
C ASP A 185 -13.92 11.76 15.38
N PRO A 186 -14.10 11.63 14.07
CA PRO A 186 -15.06 12.48 13.36
C PRO A 186 -16.47 11.95 13.56
N PHE A 187 -17.45 12.76 13.16
CA PHE A 187 -18.85 12.36 13.24
C PHE A 187 -19.33 11.87 11.88
N THR A 188 -20.46 11.18 11.87
CA THR A 188 -20.90 10.52 10.65
C THR A 188 -21.23 11.50 9.53
N ASN A 189 -21.52 12.78 9.85
CA ASN A 189 -21.80 13.72 8.77
C ASN A 189 -20.59 13.87 7.84
N ALA A 190 -19.36 13.77 8.37
CA ALA A 190 -18.19 13.81 7.50
C ALA A 190 -18.22 12.68 6.47
N VAL A 191 -18.75 11.52 6.86
CA VAL A 191 -18.83 10.40 5.92
C VAL A 191 -19.90 10.66 4.87
N ARG A 192 -21.09 11.08 5.29
CA ARG A 192 -22.17 11.28 4.34
C ARG A 192 -21.82 12.37 3.33
N ILE A 193 -21.16 13.43 3.79
CA ILE A 193 -20.75 14.50 2.89
C ILE A 193 -19.69 14.01 1.90
N THR A 194 -18.76 13.19 2.37
CA THR A 194 -17.74 12.66 1.45
C THR A 194 -18.38 11.72 0.44
N VAL A 195 -19.34 10.91 0.85
CA VAL A 195 -19.99 10.02 -0.11
C VAL A 195 -20.72 10.83 -1.19
N SER A 196 -21.31 11.97 -0.79
CA SER A 196 -22.00 12.79 -1.78
C SER A 196 -21.03 13.36 -2.81
N ALA A 197 -19.88 13.86 -2.35
CA ALA A 197 -18.86 14.35 -3.28
C ALA A 197 -18.34 13.22 -4.16
N LEU A 198 -18.06 12.05 -3.58
CA LEU A 198 -17.59 10.90 -4.35
C LEU A 198 -18.58 10.52 -5.45
N ARG A 199 -19.88 10.43 -5.10
CA ARG A 199 -20.90 10.16 -6.13
C ARG A 199 -20.83 11.17 -7.26
N LYS A 200 -20.65 12.44 -6.92
CA LYS A 200 -20.60 13.46 -7.96
C LYS A 200 -19.37 13.29 -8.84
N ARG A 201 -18.22 12.89 -8.25
CA ARG A 201 -17.01 12.66 -9.07
C ARG A 201 -17.18 11.46 -10.00
N LEU A 202 -17.81 10.40 -9.52
CA LEU A 202 -17.90 9.20 -10.34
C LEU A 202 -18.86 9.37 -11.50
N GLY A 203 -19.85 10.27 -11.39
CA GLY A 203 -20.78 10.50 -12.49
C GLY A 203 -21.83 9.43 -12.65
N GLU A 204 -22.61 9.56 -13.77
CA GLU A 204 -23.73 8.66 -14.03
C GLU A 204 -23.26 7.44 -14.82
N PRO A 205 -23.92 6.28 -14.66
CA PRO A 205 -25.05 6.05 -13.76
C PRO A 205 -24.61 5.82 -12.32
N GLY A 206 -25.54 5.93 -11.38
CA GLY A 206 -25.24 5.71 -9.97
C GLY A 206 -24.58 4.36 -9.76
N ILE A 207 -23.66 4.28 -8.80
CA ILE A 207 -22.89 3.06 -8.60
C ILE A 207 -22.74 2.82 -7.11
N ILE A 208 -22.95 3.85 -6.30
CA ILE A 208 -22.97 3.74 -4.85
C ILE A 208 -24.40 3.88 -4.38
N ALA A 209 -24.91 2.83 -3.75
CA ALA A 209 -26.30 2.81 -3.28
C ALA A 209 -26.35 3.04 -1.79
N THR A 210 -27.33 3.84 -1.36
CA THR A 210 -27.62 3.98 0.06
C THR A 210 -28.52 2.84 0.51
N VAL A 211 -28.21 2.25 1.65
CA VAL A 211 -29.14 1.30 2.26
C VAL A 211 -29.69 1.95 3.52
N PRO A 212 -30.92 2.47 3.47
CA PRO A 212 -31.40 3.41 4.50
C PRO A 212 -31.20 2.89 5.92
N GLY A 213 -30.68 3.76 6.78
CA GLY A 213 -30.46 3.44 8.18
C GLY A 213 -29.25 2.58 8.48
N VAL A 214 -28.63 1.98 7.45
CA VAL A 214 -27.45 1.13 7.66
C VAL A 214 -26.21 1.83 7.16
N GLY A 215 -25.99 1.79 5.84
CA GLY A 215 -24.80 2.39 5.27
C GLY A 215 -24.85 2.53 3.77
N TYR A 216 -23.78 2.08 3.10
CA TYR A 216 -23.61 2.24 1.66
C TYR A 216 -23.01 0.98 1.07
N ARG A 217 -23.27 0.75 -0.22
CA ARG A 217 -22.70 -0.38 -0.93
C ARG A 217 -22.45 0.01 -2.38
N ILE A 218 -21.52 -0.70 -3.03
CA ILE A 218 -21.41 -0.65 -4.47
C ILE A 218 -22.58 -1.41 -5.08
N ASP A 219 -23.32 -0.75 -5.97
CA ASP A 219 -24.55 -1.35 -6.49
C ASP A 219 -24.25 -2.45 -7.49
N THR A 220 -24.15 -3.69 -7.03
CA THR A 220 -24.05 -4.85 -7.91
C THR A 220 -25.42 -5.55 -8.00
BE BEF B . 18.60 5.06 3.89
F1 BEF B . 18.92 6.40 3.21
F2 BEF B . 17.72 5.36 5.16
F3 BEF B . 19.92 4.47 4.45
MG MG C . 18.76 6.80 1.22
#